data_9BI7
#
_entry.id   9BI7
#
_cell.length_a   62.459
_cell.length_b   62.459
_cell.length_c   80.361
_cell.angle_alpha   90.00
_cell.angle_beta   90.00
_cell.angle_gamma   120.00
#
_symmetry.space_group_name_H-M   'P 32 2 1'
#
loop_
_entity.id
_entity.type
_entity.pdbx_description
1 polymer Esterase
2 non-polymer 'CALCIUM ION'
3 non-polymer 'CHLORIDE ION'
4 water water
#
_entity_poly.entity_id   1
_entity_poly.type   'polypeptide(L)'
_entity_poly.pdbx_seq_one_letter_code
;GPGMATLLYLHGFNSSPRSAKATALKTWLAQHYPEITMVVPELPPYPAETAELLESIVLEHGGEPLGVVGSSLGGYYATW
LSQCFMLPAVVVNPAVRPFELLNNFLGHNENPYTGQQYVLESRHIYDLKVMQIDPLEAPDLLWLLQQTGDEVLDYRQAVH
YYASCRQTVEEGGNHAFVGFDDHFTQIIEFLGLR
;
_entity_poly.pdbx_strand_id   A
#
loop_
_chem_comp.id
_chem_comp.type
_chem_comp.name
_chem_comp.formula
CA non-polymer 'CALCIUM ION' 'Ca 2'
CL non-polymer 'CHLORIDE ION' 'Cl -1'
#
# COMPACT_ATOMS: atom_id res chain seq x y z
N GLY A 3 -24.12 3.12 -1.53
CA GLY A 3 -23.03 2.32 -1.00
C GLY A 3 -22.55 1.25 -1.95
N MET A 4 -21.32 1.40 -2.44
CA MET A 4 -20.71 0.44 -3.33
C MET A 4 -19.47 -0.14 -2.67
N ALA A 5 -19.04 -1.28 -3.17
CA ALA A 5 -17.74 -1.81 -2.83
C ALA A 5 -16.65 -0.84 -3.25
N THR A 6 -15.55 -0.83 -2.51
CA THR A 6 -14.51 0.16 -2.74
C THR A 6 -13.14 -0.45 -2.62
N LEU A 7 -12.26 -0.02 -3.54
CA LEU A 7 -10.84 -0.34 -3.50
C LEU A 7 -10.09 0.92 -3.07
N LEU A 8 -9.32 0.79 -1.99
CA LEU A 8 -8.48 1.85 -1.46
C LEU A 8 -7.03 1.59 -1.85
N TYR A 9 -6.44 2.48 -2.65
CA TYR A 9 -5.05 2.37 -3.10
C TYR A 9 -4.16 3.33 -2.34
N LEU A 10 -3.08 2.80 -1.77
CA LEU A 10 -2.14 3.56 -0.95
C LEU A 10 -0.80 3.62 -1.66
N HIS A 11 -0.39 4.83 -2.06
CA HIS A 11 0.84 5.05 -2.79
C HIS A 11 2.03 5.01 -1.83
N GLY A 12 3.22 4.95 -2.40
CA GLY A 12 4.44 4.93 -1.64
C GLY A 12 4.93 6.29 -1.20
N PHE A 13 6.00 6.28 -0.43
CA PHE A 13 6.55 7.51 0.10
C PHE A 13 7.09 8.35 -1.05
N ASN A 14 6.84 9.64 -1.03
CA ASN A 14 7.31 10.51 -2.10
C ASN A 14 6.71 10.14 -3.45
N SER A 15 5.58 9.45 -3.43
CA SER A 15 4.78 9.21 -4.62
C SER A 15 3.52 10.06 -4.56
N SER A 16 2.49 9.65 -5.29
CA SER A 16 1.26 10.44 -5.29
C SER A 16 0.14 9.62 -5.91
N PRO A 17 -1.09 10.12 -5.86
CA PRO A 17 -2.20 9.40 -6.50
C PRO A 17 -2.10 9.34 -8.02
N ARG A 18 -1.20 10.11 -8.63
CA ARG A 18 -0.98 10.08 -10.07
C ARG A 18 0.08 9.06 -10.46
N SER A 19 0.48 8.21 -9.53
CA SER A 19 1.41 7.13 -9.83
C SER A 19 0.91 6.26 -10.98
N ALA A 20 1.86 5.71 -11.73
CA ALA A 20 1.52 4.86 -12.88
C ALA A 20 0.64 3.67 -12.48
N LYS A 21 1.00 2.99 -11.38
CA LYS A 21 0.19 1.87 -10.92
C LYS A 21 -1.22 2.29 -10.52
N ALA A 22 -1.34 3.41 -9.79
CA ALA A 22 -2.67 3.84 -9.38
C ALA A 22 -3.52 4.20 -10.59
N THR A 23 -2.94 4.91 -11.54
N THR A 23 -2.94 4.89 -11.57
CA THR A 23 -3.68 5.31 -12.73
CA THR A 23 -3.74 5.31 -12.73
C THR A 23 -4.09 4.10 -13.55
C THR A 23 -4.07 4.13 -13.64
N ALA A 24 -3.20 3.12 -13.71
CA ALA A 24 -3.52 1.96 -14.50
C ALA A 24 -4.67 1.18 -13.88
N LEU A 25 -4.65 1.03 -12.56
CA LEU A 25 -5.70 0.30 -11.90
C LEU A 25 -7.01 1.08 -11.95
N LYS A 26 -6.97 2.40 -11.77
CA LYS A 26 -8.20 3.18 -11.82
C LYS A 26 -8.86 3.09 -13.19
N THR A 27 -8.07 3.16 -14.26
CA THR A 27 -8.63 3.10 -15.60
C THR A 27 -9.18 1.71 -15.89
N TRP A 28 -8.46 0.66 -15.52
CA TRP A 28 -8.95 -0.69 -15.73
C TRP A 28 -10.22 -0.93 -14.93
N LEU A 29 -10.25 -0.47 -13.67
CA LEU A 29 -11.43 -0.71 -12.86
C LEU A 29 -12.64 0.02 -13.42
N ALA A 30 -12.45 1.25 -13.92
CA ALA A 30 -13.57 1.98 -14.49
C ALA A 30 -14.09 1.31 -15.75
N GLN A 31 -13.22 0.69 -16.53
N GLN A 31 -13.20 0.71 -16.53
CA GLN A 31 -13.70 0.03 -17.75
CA GLN A 31 -13.61 0.02 -17.75
C GLN A 31 -14.43 -1.27 -17.42
C GLN A 31 -14.41 -1.24 -17.41
N HIS A 32 -13.88 -2.08 -16.53
CA HIS A 32 -14.38 -3.44 -16.34
C HIS A 32 -15.27 -3.63 -15.12
N TYR A 33 -15.10 -2.82 -14.07
CA TYR A 33 -15.86 -2.96 -12.83
C TYR A 33 -16.26 -1.58 -12.33
N PRO A 34 -17.09 -0.86 -13.08
CA PRO A 34 -17.53 0.49 -12.63
C PRO A 34 -18.30 0.47 -11.32
N GLU A 35 -18.84 -0.68 -10.93
CA GLU A 35 -19.52 -0.79 -9.65
C GLU A 35 -18.56 -0.80 -8.47
N ILE A 36 -17.25 -0.84 -8.69
CA ILE A 36 -16.25 -0.79 -7.62
C ILE A 36 -15.63 0.58 -7.66
N THR A 37 -15.89 1.41 -6.65
CA THR A 37 -15.30 2.73 -6.63
C THR A 37 -13.88 2.64 -6.10
N MET A 38 -13.05 3.56 -6.56
CA MET A 38 -11.66 3.62 -6.23
C MET A 38 -11.36 4.89 -5.48
N VAL A 39 -10.71 4.76 -4.33
CA VAL A 39 -10.28 5.86 -3.49
C VAL A 39 -8.76 5.85 -3.46
N VAL A 40 -8.15 6.99 -3.81
CA VAL A 40 -6.69 7.14 -3.85
C VAL A 40 -6.24 8.41 -3.13
N PRO A 41 -6.05 8.35 -1.83
CA PRO A 41 -5.72 9.58 -1.09
C PRO A 41 -4.29 10.03 -1.32
N GLU A 42 -4.10 11.33 -1.28
CA GLU A 42 -2.76 11.90 -1.18
C GLU A 42 -2.32 11.79 0.26
N LEU A 43 -1.36 10.91 0.52
CA LEU A 43 -1.00 10.60 1.91
C LEU A 43 -0.03 11.64 2.46
N PRO A 44 -0.25 12.14 3.69
CA PRO A 44 0.76 12.98 4.32
C PRO A 44 2.06 12.23 4.46
N PRO A 45 3.21 12.93 4.45
CA PRO A 45 4.47 12.23 4.72
C PRO A 45 4.62 11.84 6.18
N TYR A 46 3.87 12.46 7.08
CA TYR A 46 4.03 12.24 8.51
C TYR A 46 3.20 11.02 8.91
N PRO A 47 3.80 9.94 9.43
CA PRO A 47 3.03 8.71 9.65
C PRO A 47 1.83 8.84 10.59
N ALA A 48 1.95 9.61 11.68
CA ALA A 48 0.83 9.73 12.60
C ALA A 48 -0.36 10.34 11.90
N GLU A 49 -0.09 11.29 11.00
N GLU A 49 -0.09 11.29 11.01
CA GLU A 49 -1.16 11.96 10.28
CA GLU A 49 -1.15 11.97 10.28
C GLU A 49 -1.72 11.08 9.17
C GLU A 49 -1.73 11.07 9.19
N THR A 50 -0.88 10.28 8.53
CA THR A 50 -1.37 9.28 7.60
C THR A 50 -2.33 8.31 8.29
N ALA A 51 -1.97 7.84 9.49
CA ALA A 51 -2.85 6.91 10.21
C ALA A 51 -4.21 7.52 10.48
N GLU A 52 -4.26 8.79 10.92
CA GLU A 52 -5.54 9.45 11.21
C GLU A 52 -6.36 9.61 9.94
N LEU A 53 -5.74 10.04 8.84
CA LEU A 53 -6.47 10.13 7.58
C LEU A 53 -7.03 8.78 7.17
N LEU A 54 -6.22 7.71 7.23
CA LEU A 54 -6.71 6.39 6.81
C LEU A 54 -7.86 5.92 7.71
N GLU A 55 -7.80 6.20 9.02
CA GLU A 55 -8.90 5.86 9.90
C GLU A 55 -10.20 6.52 9.45
N SER A 56 -10.12 7.78 9.00
CA SER A 56 -11.32 8.48 8.58
C SER A 56 -11.86 7.89 7.29
N ILE A 57 -10.97 7.40 6.41
CA ILE A 57 -11.42 6.77 5.18
C ILE A 57 -12.11 5.45 5.47
N VAL A 58 -11.57 4.65 6.39
CA VAL A 58 -12.23 3.41 6.77
C VAL A 58 -13.58 3.68 7.43
N LEU A 59 -13.68 4.73 8.26
CA LEU A 59 -14.98 5.05 8.82
C LEU A 59 -15.98 5.35 7.71
N GLU A 60 -15.56 6.11 6.69
CA GLU A 60 -16.49 6.51 5.65
C GLU A 60 -16.91 5.33 4.77
N HIS A 61 -16.00 4.42 4.49
CA HIS A 61 -16.25 3.34 3.55
C HIS A 61 -16.45 1.98 4.19
N GLY A 62 -16.47 1.90 5.51
CA GLY A 62 -16.53 0.60 6.15
C GLY A 62 -17.88 -0.06 6.17
N GLY A 63 -18.93 0.65 5.75
CA GLY A 63 -20.24 0.04 5.69
C GLY A 63 -20.51 -0.82 4.47
N GLU A 64 -19.54 -0.94 3.58
CA GLU A 64 -19.66 -1.71 2.35
C GLU A 64 -18.36 -2.46 2.18
N PRO A 65 -18.27 -3.45 1.29
CA PRO A 65 -16.99 -4.11 1.07
C PRO A 65 -15.89 -3.10 0.76
N LEU A 66 -14.74 -3.35 1.37
CA LEU A 66 -13.61 -2.44 1.31
C LEU A 66 -12.36 -3.31 1.31
N GLY A 67 -11.52 -3.09 0.30
CA GLY A 67 -10.24 -3.77 0.24
C GLY A 67 -9.15 -2.78 -0.11
N VAL A 68 -7.91 -3.14 0.27
CA VAL A 68 -6.77 -2.23 0.19
C VAL A 68 -5.69 -2.79 -0.70
N VAL A 69 -5.10 -1.92 -1.51
CA VAL A 69 -3.89 -2.21 -2.26
C VAL A 69 -2.85 -1.17 -1.86
N GLY A 70 -1.68 -1.60 -1.46
CA GLY A 70 -0.62 -0.66 -1.12
C GLY A 70 0.71 -1.07 -1.72
N SER A 71 1.45 -0.07 -2.20
N SER A 71 1.45 -0.06 -2.17
CA SER A 71 2.75 -0.27 -2.81
CA SER A 71 2.75 -0.24 -2.82
C SER A 71 3.87 0.36 -1.99
C SER A 71 3.86 0.36 -1.96
N SER A 72 4.95 -0.40 -1.78
CA SER A 72 6.12 0.04 -1.01
C SER A 72 5.71 0.50 0.39
N LEU A 73 5.98 1.74 0.83
CA LEU A 73 5.51 2.14 2.14
C LEU A 73 3.99 2.04 2.24
N GLY A 74 3.27 2.26 1.13
CA GLY A 74 1.83 2.08 1.13
C GLY A 74 1.41 0.67 1.51
N GLY A 75 2.24 -0.33 1.18
CA GLY A 75 1.98 -1.68 1.64
C GLY A 75 2.15 -1.89 3.13
N TYR A 76 3.07 -1.14 3.76
CA TYR A 76 3.17 -1.15 5.21
C TYR A 76 1.92 -0.59 5.86
N TYR A 77 1.42 0.56 5.34
CA TYR A 77 0.17 1.11 5.84
C TYR A 77 -1.00 0.17 5.57
N ALA A 78 -1.01 -0.48 4.39
CA ALA A 78 -2.10 -1.41 4.07
C ALA A 78 -2.11 -2.58 5.04
N THR A 79 -0.93 -3.05 5.43
CA THR A 79 -0.83 -4.15 6.40
C THR A 79 -1.42 -3.75 7.74
N TRP A 80 -1.09 -2.55 8.22
CA TRP A 80 -1.68 -2.05 9.45
C TRP A 80 -3.20 -1.96 9.32
N LEU A 81 -3.70 -1.39 8.22
CA LEU A 81 -5.16 -1.34 8.07
C LEU A 81 -5.77 -2.74 8.06
N SER A 82 -5.16 -3.65 7.31
CA SER A 82 -5.66 -5.02 7.23
C SER A 82 -5.83 -5.63 8.60
N GLN A 83 -4.81 -5.52 9.43
CA GLN A 83 -4.75 -6.28 10.65
C GLN A 83 -5.44 -5.57 11.80
N CYS A 84 -5.55 -4.27 11.73
CA CYS A 84 -6.29 -3.51 12.74
C CYS A 84 -7.77 -3.43 12.45
N PHE A 85 -8.18 -3.40 11.18
CA PHE A 85 -9.58 -3.24 10.83
C PHE A 85 -10.16 -4.48 10.16
N MET A 86 -9.40 -5.57 10.07
CA MET A 86 -9.88 -6.85 9.56
C MET A 86 -10.33 -6.70 8.09
N LEU A 87 -9.48 -6.04 7.32
CA LEU A 87 -9.72 -5.75 5.90
C LEU A 87 -8.75 -6.58 5.06
N PRO A 88 -9.18 -7.11 3.91
CA PRO A 88 -8.22 -7.75 3.00
C PRO A 88 -7.32 -6.71 2.34
N ALA A 89 -6.08 -7.12 2.05
CA ALA A 89 -5.12 -6.22 1.44
C ALA A 89 -4.15 -6.99 0.56
N VAL A 90 -3.79 -6.38 -0.56
CA VAL A 90 -2.75 -6.84 -1.47
C VAL A 90 -1.61 -5.86 -1.33
N VAL A 91 -0.42 -6.36 -1.01
CA VAL A 91 0.75 -5.52 -0.76
C VAL A 91 1.77 -5.80 -1.85
N VAL A 92 2.22 -4.74 -2.51
CA VAL A 92 3.02 -4.79 -3.72
C VAL A 92 4.40 -4.23 -3.41
N ASN A 93 5.42 -5.08 -3.50
CA ASN A 93 6.78 -4.73 -3.11
C ASN A 93 6.77 -3.91 -1.84
N PRO A 94 6.15 -4.43 -0.77
CA PRO A 94 5.98 -3.63 0.45
C PRO A 94 7.27 -3.44 1.23
N ALA A 95 7.32 -2.30 1.91
CA ALA A 95 8.39 -2.02 2.85
C ALA A 95 8.01 -2.62 4.19
N VAL A 96 8.80 -3.55 4.70
CA VAL A 96 8.50 -4.14 6.00
C VAL A 96 9.40 -3.64 7.10
N ARG A 97 10.53 -3.03 6.77
CA ARG A 97 11.44 -2.40 7.74
C ARG A 97 11.48 -0.91 7.41
N PRO A 98 10.34 -0.23 7.49
CA PRO A 98 10.29 1.13 6.93
C PRO A 98 11.13 2.13 7.71
N PHE A 99 11.55 1.79 8.94
CA PHE A 99 12.45 2.67 9.68
C PHE A 99 13.79 2.80 8.98
N GLU A 100 14.29 1.70 8.38
CA GLU A 100 15.49 1.82 7.55
C GLU A 100 15.17 2.55 6.26
N LEU A 101 14.02 2.28 5.65
CA LEU A 101 13.60 3.01 4.46
C LEU A 101 13.57 4.51 4.68
N LEU A 102 12.91 4.95 5.74
CA LEU A 102 12.74 6.39 5.89
C LEU A 102 13.98 7.06 6.46
N ASN A 103 14.96 6.30 6.94
CA ASN A 103 16.16 6.92 7.51
C ASN A 103 16.78 7.91 6.53
N ASN A 104 16.82 7.56 5.25
CA ASN A 104 17.48 8.40 4.27
C ASN A 104 16.52 9.44 3.67
N PHE A 105 15.34 9.63 4.28
CA PHE A 105 14.50 10.78 3.98
C PHE A 105 14.48 11.81 5.11
N LEU A 106 15.27 11.61 6.17
CA LEU A 106 15.35 12.60 7.23
C LEU A 106 15.80 13.92 6.66
N GLY A 107 15.25 15.00 7.21
CA GLY A 107 15.59 16.33 6.83
C GLY A 107 14.55 16.93 5.94
N HIS A 108 14.92 18.04 5.30
CA HIS A 108 14.03 18.71 4.38
C HIS A 108 13.91 17.94 3.07
N ASN A 109 12.68 17.88 2.54
CA ASN A 109 12.36 17.15 1.32
C ASN A 109 11.34 17.91 0.50
N GLU A 110 11.30 17.60 -0.81
CA GLU A 110 10.25 18.06 -1.71
C GLU A 110 9.75 16.87 -2.51
N ASN A 111 8.46 16.58 -2.41
CA ASN A 111 7.87 15.49 -3.18
C ASN A 111 8.03 15.76 -4.67
N PRO A 112 8.60 14.83 -5.44
CA PRO A 112 8.86 15.12 -6.86
C PRO A 112 7.62 15.13 -7.73
N TYR A 113 6.52 14.52 -7.29
CA TYR A 113 5.28 14.55 -8.03
C TYR A 113 4.50 15.82 -7.77
N THR A 114 4.33 16.16 -6.49
CA THR A 114 3.41 17.19 -6.05
C THR A 114 4.07 18.51 -5.70
N GLY A 115 5.38 18.53 -5.47
CA GLY A 115 6.08 19.72 -5.05
C GLY A 115 5.97 20.08 -3.60
N GLN A 116 5.23 19.30 -2.81
CA GLN A 116 5.08 19.61 -1.38
C GLN A 116 6.42 19.54 -0.67
N GLN A 117 6.74 20.59 0.10
CA GLN A 117 7.92 20.61 0.97
C GLN A 117 7.56 20.13 2.37
N TYR A 118 8.47 19.37 2.98
CA TYR A 118 8.24 18.86 4.33
C TYR A 118 9.57 18.52 4.97
N VAL A 119 9.57 18.48 6.30
CA VAL A 119 10.74 18.04 7.06
C VAL A 119 10.39 16.75 7.77
N LEU A 120 11.19 15.73 7.56
CA LEU A 120 11.04 14.47 8.26
C LEU A 120 12.04 14.40 9.41
N GLU A 121 11.54 14.10 10.62
CA GLU A 121 12.33 14.10 11.83
C GLU A 121 12.40 12.68 12.37
N SER A 122 13.35 12.45 13.27
CA SER A 122 13.48 11.12 13.87
C SER A 122 12.19 10.69 14.57
N ARG A 123 11.48 11.64 15.18
CA ARG A 123 10.23 11.26 15.85
C ARG A 123 9.22 10.69 14.86
N HIS A 124 9.29 11.10 13.60
CA HIS A 124 8.36 10.54 12.60
C HIS A 124 8.64 9.06 12.37
N ILE A 125 9.90 8.68 12.40
CA ILE A 125 10.26 7.28 12.19
C ILE A 125 9.79 6.44 13.37
N TYR A 126 9.92 6.98 14.59
CA TYR A 126 9.36 6.26 15.73
C TYR A 126 7.85 6.16 15.63
N ASP A 127 7.18 7.18 15.07
CA ASP A 127 5.74 7.11 14.88
C ASP A 127 5.34 5.99 13.94
N LEU A 128 6.15 5.75 12.90
CA LEU A 128 5.86 4.70 11.94
C LEU A 128 5.97 3.33 12.60
N LYS A 129 6.94 3.16 13.50
CA LYS A 129 7.16 1.86 14.15
C LYS A 129 5.96 1.39 14.96
N VAL A 130 5.13 2.31 15.47
CA VAL A 130 4.00 1.89 16.28
C VAL A 130 2.92 1.21 15.45
N MET A 131 2.97 1.35 14.14
CA MET A 131 2.02 0.71 13.24
C MET A 131 2.53 -0.63 12.77
N GLN A 132 3.60 -1.12 13.39
CA GLN A 132 4.20 -2.38 13.02
C GLN A 132 3.36 -3.51 13.59
N ILE A 133 3.07 -4.50 12.78
CA ILE A 133 2.22 -5.61 13.15
C ILE A 133 3.12 -6.83 13.35
N ASP A 134 3.24 -7.28 14.58
CA ASP A 134 4.06 -8.46 14.79
C ASP A 134 3.65 -9.16 16.08
N PRO A 135 3.21 -10.43 15.99
CA PRO A 135 3.09 -11.27 14.78
C PRO A 135 1.86 -10.90 13.97
N LEU A 136 1.79 -11.34 12.72
CA LEU A 136 0.60 -11.16 11.92
C LEU A 136 -0.50 -12.02 12.52
N GLU A 137 -1.63 -11.42 12.89
CA GLU A 137 -2.67 -12.19 13.54
C GLU A 137 -3.70 -12.74 12.57
N ALA A 138 -3.85 -12.14 11.40
CA ALA A 138 -4.81 -12.57 10.39
C ALA A 138 -4.13 -12.65 9.05
N PRO A 139 -3.20 -13.60 8.88
CA PRO A 139 -2.47 -13.69 7.62
C PRO A 139 -3.33 -14.03 6.40
N ASP A 140 -4.51 -14.64 6.59
CA ASP A 140 -5.40 -14.96 5.49
C ASP A 140 -5.94 -13.72 4.80
N LEU A 141 -5.80 -12.54 5.41
CA LEU A 141 -6.29 -11.29 4.82
C LEU A 141 -5.28 -10.65 3.87
N LEU A 142 -4.08 -11.19 3.73
CA LEU A 142 -2.99 -10.54 3.01
C LEU A 142 -2.49 -11.39 1.85
N TRP A 143 -2.15 -10.71 0.75
CA TRP A 143 -1.52 -11.29 -0.41
C TRP A 143 -0.33 -10.44 -0.77
N LEU A 144 0.86 -11.05 -0.74
CA LEU A 144 2.11 -10.41 -1.13
C LEU A 144 2.35 -10.62 -2.63
N LEU A 145 2.52 -9.50 -3.35
CA LEU A 145 3.06 -9.48 -4.71
C LEU A 145 4.46 -8.88 -4.66
N GLN A 146 5.46 -9.64 -5.08
CA GLN A 146 6.84 -9.24 -4.91
C GLN A 146 7.68 -9.63 -6.13
N GLN A 147 8.55 -8.72 -6.57
CA GLN A 147 9.54 -9.03 -7.59
C GLN A 147 10.94 -9.05 -6.96
N THR A 148 11.73 -10.05 -7.33
CA THR A 148 13.02 -10.23 -6.67
C THR A 148 14.04 -9.22 -7.14
N GLY A 149 13.84 -8.63 -8.31
CA GLY A 149 14.70 -7.61 -8.84
C GLY A 149 14.54 -6.24 -8.26
N ASP A 150 13.67 -6.08 -7.25
CA ASP A 150 13.51 -4.80 -6.57
C ASP A 150 14.88 -4.27 -6.15
N GLU A 151 15.23 -3.10 -6.69
CA GLU A 151 16.53 -2.48 -6.49
C GLU A 151 16.56 -1.54 -5.29
N VAL A 152 15.40 -1.31 -4.68
CA VAL A 152 15.26 -0.42 -3.52
C VAL A 152 15.15 -1.20 -2.23
N LEU A 153 14.35 -2.27 -2.24
CA LEU A 153 14.11 -3.10 -1.08
C LEU A 153 14.69 -4.49 -1.31
N ASP A 154 15.20 -5.10 -0.24
CA ASP A 154 15.60 -6.50 -0.25
C ASP A 154 14.34 -7.36 -0.20
N TYR A 155 14.02 -8.01 -1.32
CA TYR A 155 12.77 -8.78 -1.42
C TYR A 155 12.65 -9.83 -0.34
N ARG A 156 13.77 -10.32 0.19
CA ARG A 156 13.72 -11.42 1.14
C ARG A 156 13.01 -11.01 2.43
N GLN A 157 13.06 -9.72 2.77
CA GLN A 157 12.41 -9.25 4.00
C GLN A 157 10.90 -9.45 3.92
N ALA A 158 10.28 -9.03 2.82
CA ALA A 158 8.84 -9.23 2.65
C ALA A 158 8.48 -10.70 2.57
N VAL A 159 9.28 -11.50 1.85
CA VAL A 159 8.94 -12.90 1.66
C VAL A 159 8.92 -13.60 3.01
N HIS A 160 9.87 -13.26 3.89
CA HIS A 160 9.88 -13.83 5.22
C HIS A 160 8.74 -13.29 6.09
N TYR A 161 8.51 -11.97 6.05
CA TYR A 161 7.52 -11.41 6.96
C TYR A 161 6.13 -11.93 6.65
N TYR A 162 5.82 -12.09 5.36
CA TYR A 162 4.52 -12.54 4.91
C TYR A 162 4.49 -14.04 4.65
N ALA A 163 5.41 -14.79 5.26
CA ALA A 163 5.53 -16.22 4.96
C ALA A 163 4.22 -16.97 5.14
N SER A 164 3.38 -16.57 6.09
CA SER A 164 2.15 -17.30 6.35
C SER A 164 0.99 -16.85 5.47
N CYS A 165 1.24 -15.98 4.51
CA CYS A 165 0.24 -15.39 3.63
C CYS A 165 0.35 -15.94 2.23
N ARG A 166 -0.69 -15.72 1.44
CA ARG A 166 -0.57 -15.93 0.00
C ARG A 166 0.57 -15.06 -0.54
N GLN A 167 1.38 -15.65 -1.43
CA GLN A 167 2.48 -14.94 -2.05
C GLN A 167 2.52 -15.24 -3.53
N THR A 168 2.81 -14.20 -4.31
CA THR A 168 3.25 -14.35 -5.69
C THR A 168 4.60 -13.68 -5.80
N VAL A 169 5.65 -14.47 -5.97
CA VAL A 169 7.01 -13.97 -6.05
C VAL A 169 7.50 -14.24 -7.47
N GLU A 170 7.84 -13.16 -8.17
CA GLU A 170 8.28 -13.25 -9.55
C GLU A 170 9.76 -12.90 -9.62
N GLU A 171 10.52 -13.74 -10.31
CA GLU A 171 11.95 -13.52 -10.47
C GLU A 171 12.17 -12.36 -11.46
N GLY A 172 13.05 -11.44 -11.11
CA GLY A 172 13.31 -10.30 -11.98
C GLY A 172 12.43 -9.11 -11.64
N GLY A 173 12.09 -8.31 -12.64
CA GLY A 173 11.27 -7.14 -12.38
C GLY A 173 12.06 -6.04 -11.66
N ASN A 174 11.31 -5.15 -11.00
CA ASN A 174 11.91 -4.02 -10.32
C ASN A 174 10.96 -3.49 -9.24
N HIS A 175 11.38 -2.43 -8.58
CA HIS A 175 10.62 -1.88 -7.47
C HIS A 175 9.26 -1.33 -7.89
N ALA A 176 9.19 -0.77 -9.10
CA ALA A 176 7.93 -0.22 -9.59
C ALA A 176 6.90 -1.29 -9.87
N PHE A 177 7.36 -2.53 -10.06
CA PHE A 177 6.57 -3.73 -10.30
C PHE A 177 6.09 -3.81 -11.74
N VAL A 178 6.79 -4.64 -12.51
CA VAL A 178 6.51 -4.83 -13.91
C VAL A 178 5.27 -5.69 -14.09
N GLY A 179 4.40 -5.30 -15.01
CA GLY A 179 3.24 -6.11 -15.32
C GLY A 179 2.19 -6.12 -14.26
N PHE A 180 2.06 -5.04 -13.51
CA PHE A 180 1.07 -4.96 -12.44
C PHE A 180 -0.31 -5.33 -12.97
N ASP A 181 -0.66 -4.83 -14.14
CA ASP A 181 -1.99 -5.04 -14.72
C ASP A 181 -2.31 -6.50 -14.95
N ASP A 182 -1.33 -7.39 -15.00
CA ASP A 182 -1.67 -8.80 -15.23
C ASP A 182 -2.42 -9.40 -14.05
N HIS A 183 -2.39 -8.75 -12.89
CA HIS A 183 -2.92 -9.30 -11.65
C HIS A 183 -4.27 -8.69 -11.26
N PHE A 184 -4.84 -7.81 -12.08
CA PHE A 184 -5.95 -7.00 -11.58
C PHE A 184 -7.19 -7.82 -11.27
N THR A 185 -7.57 -8.77 -12.14
CA THR A 185 -8.77 -9.54 -11.84
C THR A 185 -8.58 -10.37 -10.58
N GLN A 186 -7.40 -10.95 -10.41
CA GLN A 186 -7.13 -11.73 -9.20
C GLN A 186 -7.11 -10.85 -7.96
N ILE A 187 -6.66 -9.59 -8.09
CA ILE A 187 -6.67 -8.67 -6.95
C ILE A 187 -8.09 -8.39 -6.51
N ILE A 188 -8.98 -8.07 -7.46
CA ILE A 188 -10.36 -7.75 -7.10
C ILE A 188 -11.04 -8.98 -6.51
N GLU A 189 -10.65 -10.18 -6.96
CA GLU A 189 -11.24 -11.41 -6.41
C GLU A 189 -10.74 -11.65 -4.99
N PHE A 190 -9.45 -11.47 -4.76
CA PHE A 190 -8.92 -11.68 -3.42
C PHE A 190 -9.55 -10.72 -2.42
N LEU A 191 -9.80 -9.49 -2.83
CA LEU A 191 -10.31 -8.46 -1.93
C LEU A 191 -11.80 -8.63 -1.66
N GLY A 192 -12.47 -9.56 -2.33
CA GLY A 192 -13.89 -9.75 -2.16
C GLY A 192 -14.76 -8.65 -2.73
N LEU A 193 -14.27 -7.93 -3.74
CA LEU A 193 -14.96 -6.81 -4.35
C LEU A 193 -15.68 -7.19 -5.63
N ARG A 194 -15.28 -8.29 -6.26
CA ARG A 194 -15.92 -8.78 -7.48
C ARG A 194 -17.25 -9.40 -7.09
CA CA B . -17.79 2.27 -0.56
CA CA C . 17.99 11.92 1.80
CL CL D . 8.10 3.89 -0.33
#